data_3T3F
#
_entry.id   3T3F
#
_cell.length_a   109.778
_cell.length_b   109.778
_cell.length_c   91.219
_cell.angle_alpha   90.00
_cell.angle_beta   90.00
_cell.angle_gamma   120.00
#
_symmetry.space_group_name_H-M   'P 31 2 1'
#
loop_
_entity.id
_entity.type
_entity.pdbx_description
1 polymer 'DNA polymerase I, thermostable'
2 polymer "5'-D(*GP*AP*CP*CP*AP*CP*GP*GP*CP*GP*CP*(DOC))-3'"
3 polymer "5'-D(*AP*AP*AP*(3DR)P*GP*GP*CP*GP*CP*CP*GP*TP*GP*GP*TP*C)-3'"
4 non-polymer GLYCEROL
5 non-polymer 'MAGNESIUM ION'
6 non-polymer 'SODIUM ION'
7 non-polymer '1-{2-DEOXY-5-O-[(R)-HYDROXY{[(R)-HYDROXY(PHOSPHONOOXY)PHOSPHORYL]OXY}PHOSPHORYL]-BETA-D-ERYTHRO-PENTOFURANOSYL}-5-NITRO -1H-INDOLE'
8 non-polymer 'FORMIC ACID'
9 water water
#
loop_
_entity_poly.entity_id
_entity_poly.type
_entity_poly.pdbx_seq_one_letter_code
_entity_poly.pdbx_strand_id
1 'polypeptide(L)'
;ALEEAPWPPPEGAFVGFVLSRKEPMWADLLALAAARGGRVHRAPEPYKALRDLKEARGLLAKDLSVLALREGLGLPPGDD
PMLLAYLLDPSNTTPEGVARRYGGEWTEEAGERAALSERLFANLWGRLEGEERLLWLYREVERPLSAVLAHMEATGVRLD
VAYLRALSLEVAEEIARLEAEVFRLAGHPFNLNSRDQLERVLFDELGLPAIGKTEKTGKRSTSAAVLEALREAHPIVEKI
LQYRELTKLKSTYIDPLPDLIHPRTGRLHTRFNQTATATGRLSSSDPNLQNIPVRTPLGQRIRRAFIAEEGWLLVALDYS
QIELRVLAHLSGDENLIRVFQEGRDIHTETASWMFGVPREAVDPLMRRAAKTINFGVLYGMSAHRLSQELAIPYEEAQAF
IERYFQSFPKVRAWIEKTLEEGRRRGYVETLFGRRRYVPDLEARVKSVREAAERMAFNMPVQGTAADLMKLAMVKLFPRL
EEMGARMLLQVHDELVLEAPKERAEAVARLAKEVMEGVYPLAVPLEVEVGIGEDWLSAKE
;
A
2 'polydeoxyribonucleotide' (DG)(DA)(DC)(DC)(DA)(DC)(DG)(DG)(DC)(DG)(DC)(DOC) B
3 'polydeoxyribonucleotide' (DA)(DA)(DA)(3DR)(DG)(DG)(DC)(DG)(DC)(DC)(DG)(DT)(DG)(DG)(DT)(DC) C
#
loop_
_chem_comp.id
_chem_comp.type
_chem_comp.name
_chem_comp.formula
3DR DNA linking 1',2'-DIDEOXYRIBOFURANOSE-5'-PHOSPHATE 'C5 H11 O6 P'
DA DNA linking 2'-DEOXYADENOSINE-5'-MONOPHOSPHATE 'C10 H14 N5 O6 P'
DC DNA linking 2'-DEOXYCYTIDINE-5'-MONOPHOSPHATE 'C9 H14 N3 O7 P'
DG DNA linking 2'-DEOXYGUANOSINE-5'-MONOPHOSPHATE 'C10 H14 N5 O7 P'
DOC DNA linking 2',3'-DIDEOXYCYTIDINE-5'-MONOPHOSPHATE 'C9 H14 N3 O6 P'
DT DNA linking THYMIDINE-5'-MONOPHOSPHATE 'C10 H15 N2 O8 P'
FMT non-polymer 'FORMIC ACID' 'C H2 O2'
GOL non-polymer GLYCEROL 'C3 H8 O3'
MG non-polymer 'MAGNESIUM ION' 'Mg 2'
N5P non-polymer '1-{2-DEOXY-5-O-[(R)-HYDROXY{[(R)-HYDROXY(PHOSPHONOOXY)PHOSPHORYL]OXY}PHOSPHORYL]-BETA-D-ERYTHRO-PENTOFURANOSYL}-5-NITRO -1H-INDOLE' 'C13 H17 N2 O14 P3'
NA non-polymer 'SODIUM ION' 'Na 1'
#
# COMPACT_ATOMS: atom_id res chain seq x y z
N ALA A 1 18.91 -24.48 20.64
CA ALA A 1 18.90 -25.22 19.39
C ALA A 1 20.30 -25.75 19.06
N LEU A 2 21.16 -25.76 20.06
CA LEU A 2 22.56 -26.11 19.88
C LEU A 2 22.73 -27.54 19.33
N GLU A 3 21.91 -28.46 19.80
CA GLU A 3 22.05 -29.88 19.43
C GLU A 3 21.32 -30.25 18.13
N GLU A 4 22.06 -30.74 17.14
CA GLU A 4 21.45 -31.20 15.89
C GLU A 4 20.70 -32.51 16.09
N ALA A 5 19.42 -32.52 15.72
CA ALA A 5 18.62 -33.73 15.77
C ALA A 5 18.10 -34.05 14.36
N PRO A 6 17.82 -35.33 14.10
CA PRO A 6 17.35 -35.65 12.75
C PRO A 6 16.02 -34.96 12.40
N TRP A 7 15.83 -34.66 11.11
CA TRP A 7 14.52 -34.26 10.61
C TRP A 7 13.61 -35.48 10.74
N PRO A 8 12.30 -35.28 10.99
CA PRO A 8 11.59 -34.00 11.16
C PRO A 8 11.53 -33.55 12.63
N PRO A 9 11.19 -32.28 12.84
CA PRO A 9 11.05 -31.65 14.15
C PRO A 9 9.72 -32.03 14.78
N PRO A 10 9.57 -31.85 16.10
CA PRO A 10 8.30 -32.09 16.77
C PRO A 10 7.38 -30.94 16.44
N GLU A 11 6.07 -31.09 16.64
CA GLU A 11 5.17 -30.00 16.30
C GLU A 11 5.39 -28.80 17.22
N GLY A 12 5.03 -27.62 16.71
CA GLY A 12 5.24 -26.37 17.43
C GLY A 12 6.60 -25.76 17.16
N ALA A 13 7.44 -26.45 16.40
CA ALA A 13 8.80 -25.98 16.17
C ALA A 13 8.80 -24.74 15.28
N PHE A 14 9.84 -23.92 15.40
CA PHE A 14 10.00 -22.73 14.58
C PHE A 14 10.84 -23.04 13.36
N VAL A 15 10.45 -22.54 12.20
CA VAL A 15 11.15 -22.85 10.95
C VAL A 15 12.10 -21.74 10.57
N GLY A 16 13.17 -22.14 9.88
CA GLY A 16 14.05 -21.20 9.21
C GLY A 16 14.21 -21.75 7.80
N PHE A 17 14.46 -20.87 6.85
CA PHE A 17 14.55 -21.31 5.46
C PHE A 17 15.32 -20.28 4.66
N VAL A 18 15.93 -20.74 3.58
CA VAL A 18 16.71 -19.90 2.72
C VAL A 18 16.19 -20.02 1.30
N LEU A 19 15.89 -18.88 0.68
CA LEU A 19 15.36 -18.85 -0.69
C LEU A 19 16.42 -18.28 -1.62
N SER A 20 16.43 -18.75 -2.87
CA SER A 20 17.40 -18.26 -3.85
C SER A 20 17.14 -16.79 -4.19
N ARG A 21 15.92 -16.33 -3.95
CA ARG A 21 15.57 -14.94 -4.17
C ARG A 21 14.40 -14.54 -3.27
N LYS A 22 14.19 -13.23 -3.11
CA LYS A 22 13.23 -12.73 -2.14
C LYS A 22 11.78 -13.12 -2.45
N GLU A 23 11.42 -13.23 -3.73
CA GLU A 23 10.03 -13.46 -4.11
C GLU A 23 9.65 -14.93 -3.97
N PRO A 24 8.76 -15.25 -3.02
CA PRO A 24 8.47 -16.67 -2.81
C PRO A 24 7.82 -17.37 -4.01
N MET A 25 7.06 -16.68 -4.85
CA MET A 25 6.50 -17.35 -6.04
C MET A 25 7.58 -17.75 -7.06
N TRP A 26 8.75 -17.13 -6.95
CA TRP A 26 9.82 -17.35 -7.91
C TRP A 26 11.01 -18.09 -7.33
N ALA A 27 11.02 -18.28 -6.02
CA ALA A 27 12.21 -18.78 -5.35
C ALA A 27 12.41 -20.29 -5.41
N ASP A 28 13.68 -20.69 -5.50
CA ASP A 28 14.06 -22.06 -5.18
C ASP A 28 14.23 -22.14 -3.66
N LEU A 29 13.68 -23.19 -3.06
CA LEU A 29 13.85 -23.41 -1.63
C LEU A 29 15.18 -24.13 -1.42
N LEU A 30 16.19 -23.38 -1.01
CA LEU A 30 17.56 -23.89 -0.90
C LEU A 30 17.80 -24.72 0.34
N ALA A 31 17.21 -24.30 1.46
CA ALA A 31 17.36 -25.05 2.71
C ALA A 31 16.21 -24.78 3.67
N LEU A 32 16.00 -25.75 4.56
CA LEU A 32 14.87 -25.73 5.48
C LEU A 32 15.29 -26.39 6.78
N ALA A 33 14.99 -25.76 7.90
CA ALA A 33 15.33 -26.30 9.20
C ALA A 33 14.22 -25.96 10.17
N ALA A 34 14.24 -26.59 11.34
CA ALA A 34 13.31 -26.22 12.40
C ALA A 34 13.99 -26.39 13.76
N ALA A 35 13.56 -25.61 14.74
CA ALA A 35 14.18 -25.57 16.05
C ALA A 35 13.10 -25.65 17.13
N ARG A 36 13.36 -26.45 18.15
CA ARG A 36 12.50 -26.48 19.32
C ARG A 36 13.21 -27.20 20.45
N GLY A 37 13.08 -26.66 21.66
CA GLY A 37 13.54 -27.35 22.84
C GLY A 37 15.00 -27.76 22.78
N GLY A 38 15.86 -26.78 22.48
CA GLY A 38 17.30 -26.99 22.47
C GLY A 38 17.77 -27.86 21.33
N ARG A 39 16.88 -28.13 20.37
CA ARG A 39 17.25 -28.92 19.21
C ARG A 39 17.01 -28.15 17.91
N VAL A 40 17.89 -28.38 16.94
CA VAL A 40 17.71 -27.86 15.59
C VAL A 40 17.64 -29.04 14.64
N HIS A 41 16.68 -29.01 13.71
CA HIS A 41 16.53 -30.09 12.74
C HIS A 41 16.67 -29.55 11.34
N ARG A 42 17.69 -30.03 10.63
CA ARG A 42 17.92 -29.60 9.26
C ARG A 42 17.37 -30.65 8.27
N ALA A 43 16.62 -30.19 7.27
CA ALA A 43 16.02 -31.13 6.32
C ALA A 43 17.00 -31.50 5.23
N PRO A 44 17.22 -32.80 5.03
CA PRO A 44 18.14 -33.21 3.95
C PRO A 44 17.61 -32.84 2.57
N GLU A 45 16.28 -32.88 2.40
CA GLU A 45 15.65 -32.53 1.12
C GLU A 45 14.50 -31.54 1.35
N PRO A 46 14.80 -30.24 1.18
CA PRO A 46 13.86 -29.19 1.61
C PRO A 46 12.46 -29.31 1.00
N TYR A 47 12.36 -29.54 -0.31
CA TYR A 47 11.03 -29.60 -0.93
C TYR A 47 10.18 -30.72 -0.30
N LYS A 48 10.76 -31.91 -0.20
CA LYS A 48 10.08 -33.04 0.43
C LYS A 48 9.82 -32.81 1.93
N ALA A 49 10.77 -32.17 2.61
CA ALA A 49 10.61 -31.87 4.04
C ALA A 49 9.40 -30.97 4.30
N LEU A 50 9.07 -30.14 3.31
CA LEU A 50 7.98 -29.19 3.41
C LEU A 50 6.68 -29.92 3.72
N ARG A 51 6.54 -31.12 3.18
CA ARG A 51 5.36 -31.95 3.42
C ARG A 51 5.17 -32.37 4.90
N ASP A 52 6.23 -32.30 5.70
CA ASP A 52 6.14 -32.71 7.11
C ASP A 52 5.56 -31.65 8.06
N LEU A 53 5.53 -30.40 7.61
CA LEU A 53 5.09 -29.30 8.46
C LEU A 53 3.58 -29.17 8.48
N LYS A 54 3.04 -28.83 9.63
CA LYS A 54 1.62 -28.56 9.77
C LYS A 54 1.35 -27.06 9.56
N GLU A 55 2.37 -26.25 9.81
CA GLU A 55 2.25 -24.81 9.61
C GLU A 55 3.64 -24.19 9.56
N ALA A 56 3.72 -22.99 8.97
CA ALA A 56 4.96 -22.22 8.92
C ALA A 56 4.99 -21.23 10.10
N ARG A 57 5.82 -21.53 11.07
CA ARG A 57 5.90 -20.75 12.30
CA ARG A 57 5.89 -20.75 12.30
C ARG A 57 7.32 -20.19 12.45
N GLY A 58 7.45 -18.88 12.35
CA GLY A 58 8.77 -18.27 12.41
C GLY A 58 8.88 -16.98 11.61
N LEU A 59 10.09 -16.45 11.51
CA LEU A 59 10.33 -15.20 10.79
C LEU A 59 9.90 -15.35 9.34
N LEU A 60 9.19 -14.35 8.81
CA LEU A 60 8.78 -14.38 7.41
C LEU A 60 7.95 -15.63 7.09
N ALA A 61 7.13 -16.08 8.04
CA ALA A 61 6.26 -17.24 7.82
C ALA A 61 5.45 -17.24 6.54
N LYS A 62 4.82 -16.11 6.25
CA LYS A 62 4.04 -15.99 5.01
C LYS A 62 4.82 -16.33 3.72
N ASP A 63 6.09 -15.93 3.64
CA ASP A 63 6.89 -16.30 2.47
C ASP A 63 6.98 -17.81 2.29
N LEU A 64 7.23 -18.55 3.37
CA LEU A 64 7.31 -20.01 3.22
C LEU A 64 5.93 -20.58 2.87
N SER A 65 4.88 -20.02 3.46
CA SER A 65 3.53 -20.49 3.16
C SER A 65 3.18 -20.30 1.66
N VAL A 66 3.53 -19.14 1.13
CA VAL A 66 3.29 -18.87 -0.29
C VAL A 66 4.00 -19.88 -1.18
N LEU A 67 5.26 -20.18 -0.86
CA LEU A 67 6.04 -21.12 -1.67
C LEU A 67 5.42 -22.51 -1.60
N ALA A 68 4.93 -22.87 -0.41
CA ALA A 68 4.29 -24.16 -0.22
C ALA A 68 2.98 -24.24 -1.00
N LEU A 69 2.19 -23.17 -0.95
CA LEU A 69 0.95 -23.09 -1.75
C LEU A 69 1.26 -23.23 -3.23
N ARG A 70 2.35 -22.59 -3.66
CA ARG A 70 2.82 -22.70 -5.05
C ARG A 70 2.99 -24.17 -5.42
N GLU A 71 3.47 -24.95 -4.46
CA GLU A 71 3.81 -26.34 -4.71
C GLU A 71 2.63 -27.24 -4.39
N GLY A 72 1.47 -26.62 -4.20
CA GLY A 72 0.23 -27.35 -3.96
C GLY A 72 0.05 -27.88 -2.54
N LEU A 73 0.64 -27.23 -1.54
CA LEU A 73 0.54 -27.72 -0.18
C LEU A 73 -0.21 -26.71 0.66
N GLY A 74 -1.18 -27.17 1.44
CA GLY A 74 -2.00 -26.27 2.23
C GLY A 74 -1.34 -25.92 3.55
N LEU A 75 -0.17 -25.29 3.48
CA LEU A 75 0.61 -24.96 4.67
C LEU A 75 0.37 -23.50 5.08
N PRO A 76 -0.34 -23.26 6.18
CA PRO A 76 -0.63 -21.88 6.56
C PRO A 76 0.49 -21.26 7.38
N PRO A 77 0.64 -19.93 7.34
CA PRO A 77 1.61 -19.31 8.23
C PRO A 77 1.01 -19.20 9.64
N GLY A 78 1.84 -19.29 10.67
CA GLY A 78 1.39 -19.12 12.05
C GLY A 78 2.13 -17.96 12.68
N ASP A 79 2.55 -18.12 13.93
CA ASP A 79 3.29 -17.05 14.61
C ASP A 79 4.48 -16.60 13.78
N ASP A 80 4.75 -15.29 13.83
CA ASP A 80 5.90 -14.69 13.16
C ASP A 80 6.43 -13.56 14.06
N PRO A 81 7.65 -13.72 14.59
CA PRO A 81 8.14 -12.64 15.47
C PRO A 81 8.16 -11.29 14.76
N MET A 82 8.22 -11.23 13.43
CA MET A 82 8.17 -9.91 12.75
C MET A 82 6.87 -9.14 13.05
N LEU A 83 5.76 -9.88 13.12
CA LEU A 83 4.48 -9.26 13.36
C LEU A 83 4.37 -8.73 14.78
N LEU A 84 4.93 -9.46 15.73
CA LEU A 84 4.97 -9.00 17.12
C LEU A 84 5.76 -7.71 17.18
N ALA A 85 6.95 -7.74 16.59
CA ALA A 85 7.84 -6.57 16.67
C ALA A 85 7.19 -5.35 16.00
N TYR A 86 6.54 -5.59 14.87
CA TYR A 86 5.94 -4.50 14.08
C TYR A 86 4.78 -3.84 14.83
N LEU A 87 4.06 -4.64 15.62
CA LEU A 87 3.01 -4.07 16.48
C LEU A 87 3.59 -3.31 17.64
N LEU A 88 4.72 -3.77 18.20
CA LEU A 88 5.37 -3.03 19.30
C LEU A 88 5.91 -1.70 18.79
N ASP A 89 6.44 -1.70 17.57
CA ASP A 89 7.03 -0.48 17.00
C ASP A 89 7.11 -0.68 15.50
N PRO A 90 6.29 0.04 14.73
CA PRO A 90 6.25 -0.26 13.30
C PRO A 90 7.50 0.20 12.57
N SER A 91 8.49 0.79 13.25
CA SER A 91 9.80 0.97 12.60
C SER A 91 10.57 -0.36 12.54
N ASN A 92 10.04 -1.38 13.24
CA ASN A 92 10.54 -2.76 13.07
C ASN A 92 10.02 -3.37 11.77
N THR A 93 10.80 -3.25 10.71
CA THR A 93 10.34 -3.65 9.39
C THR A 93 11.18 -4.78 8.75
N THR A 94 12.41 -5.00 9.22
CA THR A 94 13.26 -6.06 8.65
C THR A 94 13.73 -7.08 9.69
N PRO A 95 13.95 -8.34 9.27
CA PRO A 95 14.53 -9.33 10.17
C PRO A 95 15.93 -8.89 10.64
N GLU A 96 16.69 -8.23 9.78
CA GLU A 96 17.97 -7.67 10.20
C GLU A 96 17.81 -6.80 11.46
N GLY A 97 16.95 -5.80 11.37
CA GLY A 97 16.81 -4.84 12.46
C GLY A 97 16.18 -5.49 13.68
N VAL A 98 15.19 -6.35 13.45
CA VAL A 98 14.49 -6.96 14.57
C VAL A 98 15.44 -7.86 15.36
N ALA A 99 16.31 -8.60 14.66
CA ALA A 99 17.27 -9.49 15.31
C ALA A 99 18.21 -8.67 16.19
N ARG A 100 18.80 -7.64 15.61
CA ARG A 100 19.75 -6.80 16.35
C ARG A 100 19.09 -6.24 17.61
N ARG A 101 17.82 -5.86 17.48
CA ARG A 101 17.13 -5.20 18.59
C ARG A 101 16.73 -6.18 19.70
N TYR A 102 16.29 -7.37 19.32
CA TYR A 102 15.65 -8.28 20.27
C TYR A 102 16.42 -9.59 20.56
N GLY A 103 17.63 -9.72 20.04
CA GLY A 103 18.57 -10.67 20.61
C GLY A 103 19.18 -11.74 19.74
N GLY A 104 19.52 -11.41 18.50
CA GLY A 104 20.20 -12.36 17.65
C GLY A 104 20.78 -11.68 16.42
N GLU A 105 21.11 -12.48 15.42
CA GLU A 105 21.68 -11.99 14.18
C GLU A 105 21.02 -12.74 13.03
N TRP A 106 20.53 -12.00 12.05
CA TRP A 106 19.93 -12.60 10.85
C TRP A 106 21.03 -13.07 9.91
N THR A 107 21.20 -14.39 9.80
CA THR A 107 22.26 -14.98 8.97
C THR A 107 21.67 -15.57 7.69
N GLU A 108 22.50 -16.28 6.93
CA GLU A 108 22.03 -16.87 5.67
C GLU A 108 21.95 -18.40 5.75
N GLU A 109 21.72 -18.93 6.94
CA GLU A 109 21.71 -20.38 7.15
C GLU A 109 20.43 -20.75 7.87
N ALA A 110 19.75 -21.78 7.37
CA ALA A 110 18.40 -22.12 7.82
C ALA A 110 18.32 -22.50 9.29
N GLY A 111 19.26 -23.32 9.76
CA GLY A 111 19.23 -23.75 11.14
C GLY A 111 19.30 -22.53 12.05
N GLU A 112 20.25 -21.65 11.74
CA GLU A 112 20.46 -20.44 12.52
C GLU A 112 19.21 -19.57 12.47
N ARG A 113 18.54 -19.54 11.31
CA ARG A 113 17.32 -18.75 11.16
C ARG A 113 16.17 -19.34 11.97
N ALA A 114 16.14 -20.66 12.07
CA ALA A 114 15.13 -21.32 12.89
C ALA A 114 15.40 -21.05 14.39
N ALA A 115 16.64 -21.20 14.81
CA ALA A 115 17.04 -20.94 16.20
C ALA A 115 16.72 -19.51 16.57
N LEU A 116 16.97 -18.61 15.63
CA LEU A 116 16.75 -17.19 15.85
C LEU A 116 15.27 -16.91 16.02
N SER A 117 14.45 -17.52 15.15
CA SER A 117 13.00 -17.32 15.20
C SER A 117 12.49 -17.72 16.57
N GLU A 118 13.01 -18.82 17.11
CA GLU A 118 12.55 -19.32 18.41
C GLU A 118 12.90 -18.33 19.53
N ARG A 119 14.16 -17.88 19.58
CA ARG A 119 14.59 -16.93 20.60
C ARG A 119 13.90 -15.56 20.51
N LEU A 120 13.77 -15.02 19.31
CA LEU A 120 13.11 -13.72 19.14
C LEU A 120 11.64 -13.82 19.56
N PHE A 121 10.99 -14.93 19.22
CA PHE A 121 9.60 -15.05 19.58
C PHE A 121 9.46 -15.06 21.10
N ALA A 122 10.34 -15.78 21.77
CA ALA A 122 10.27 -15.81 23.23
C ALA A 122 10.44 -14.39 23.80
N ASN A 123 11.38 -13.62 23.27
CA ASN A 123 11.63 -12.28 23.83
C ASN A 123 10.50 -11.29 23.48
N LEU A 124 9.93 -11.42 22.30
CA LEU A 124 8.90 -10.46 21.86
C LEU A 124 7.52 -10.76 22.47
N TRP A 125 7.20 -12.03 22.55
CA TRP A 125 5.94 -12.47 23.13
C TRP A 125 5.70 -11.90 24.51
N GLY A 126 6.73 -11.92 25.34
CA GLY A 126 6.62 -11.42 26.70
C GLY A 126 6.48 -9.91 26.70
N ARG A 127 7.15 -9.26 25.76
CA ARG A 127 7.03 -7.81 25.64
C ARG A 127 5.61 -7.47 25.22
N LEU A 128 5.01 -8.34 24.41
CA LEU A 128 3.70 -8.07 23.85
C LEU A 128 2.63 -8.56 24.80
N GLU A 129 3.09 -9.11 25.92
CA GLU A 129 2.24 -9.51 27.04
C GLU A 129 2.06 -8.33 27.98
N GLY A 130 0.81 -8.02 28.30
CA GLY A 130 0.50 -6.84 29.09
C GLY A 130 0.01 -5.74 28.19
N GLU A 131 0.38 -5.80 26.92
CA GLU A 131 -0.15 -4.88 25.92
C GLU A 131 -1.39 -5.51 25.30
N GLU A 132 -2.48 -5.50 26.05
CA GLU A 132 -3.69 -6.22 25.67
C GLU A 132 -4.23 -5.84 24.29
N ARG A 133 -4.15 -4.57 23.94
CA ARG A 133 -4.70 -4.11 22.66
CA ARG A 133 -4.70 -4.13 22.66
C ARG A 133 -3.81 -4.55 21.49
N LEU A 134 -2.51 -4.51 21.67
CA LEU A 134 -1.60 -4.97 20.62
C LEU A 134 -1.74 -6.48 20.50
N LEU A 135 -1.91 -7.15 21.64
CA LEU A 135 -2.19 -8.59 21.65
C LEU A 135 -3.48 -8.94 20.88
N TRP A 136 -4.52 -8.14 21.06
CA TRP A 136 -5.76 -8.32 20.31
C TRP A 136 -5.48 -8.10 18.80
N LEU A 137 -4.74 -7.07 18.47
CA LEU A 137 -4.41 -6.84 17.07
C LEU A 137 -3.62 -8.03 16.50
N TYR A 138 -2.73 -8.59 17.29
CA TYR A 138 -1.94 -9.72 16.78
C TYR A 138 -2.83 -10.94 16.51
N ARG A 139 -3.62 -11.32 17.52
CA ARG A 139 -4.46 -12.51 17.43
C ARG A 139 -5.64 -12.41 16.48
N GLU A 140 -6.28 -11.25 16.46
CA GLU A 140 -7.53 -11.10 15.72
C GLU A 140 -7.33 -10.44 14.35
N VAL A 141 -6.18 -9.82 14.13
CA VAL A 141 -5.96 -9.15 12.84
C VAL A 141 -4.73 -9.63 12.11
N GLU A 142 -3.54 -9.32 12.63
CA GLU A 142 -2.31 -9.60 11.87
C GLU A 142 -2.01 -11.08 11.63
N ARG A 143 -2.03 -11.91 12.67
CA ARG A 143 -1.70 -13.32 12.46
C ARG A 143 -2.65 -13.99 11.45
N PRO A 144 -3.98 -13.82 11.63
CA PRO A 144 -4.89 -14.39 10.63
C PRO A 144 -4.76 -13.75 9.25
N LEU A 145 -4.57 -12.44 9.19
CA LEU A 145 -4.37 -11.75 7.92
C LEU A 145 -3.23 -12.37 7.12
N SER A 146 -2.15 -12.74 7.81
CA SER A 146 -1.01 -13.30 7.12
C SER A 146 -1.40 -14.53 6.29
N ALA A 147 -2.32 -15.35 6.80
CA ALA A 147 -2.83 -16.50 6.03
C ALA A 147 -3.60 -16.08 4.79
N VAL A 148 -4.45 -15.07 4.96
CA VAL A 148 -5.21 -14.48 3.87
C VAL A 148 -4.28 -13.94 2.77
N LEU A 149 -3.29 -13.16 3.18
CA LEU A 149 -2.33 -12.59 2.23
C LEU A 149 -1.55 -13.70 1.47
N ALA A 150 -1.19 -14.76 2.19
CA ALA A 150 -0.48 -15.89 1.60
C ALA A 150 -1.28 -16.46 0.43
N HIS A 151 -2.58 -16.59 0.63
CA HIS A 151 -3.44 -17.12 -0.44
C HIS A 151 -3.62 -16.14 -1.59
N MET A 152 -3.76 -14.85 -1.28
CA MET A 152 -3.83 -13.84 -2.32
C MET A 152 -2.58 -13.88 -3.20
N GLU A 153 -1.40 -13.96 -2.56
CA GLU A 153 -0.12 -13.99 -3.27
C GLU A 153 0.01 -15.19 -4.19
N ALA A 154 -0.34 -16.36 -3.66
CA ALA A 154 -0.22 -17.60 -4.42
C ALA A 154 -1.22 -17.67 -5.59
N THR A 155 -2.33 -16.95 -5.44
CA THR A 155 -3.40 -16.97 -6.43
C THR A 155 -3.06 -16.09 -7.65
N GLY A 156 -2.65 -14.85 -7.40
CA GLY A 156 -2.29 -13.94 -8.47
C GLY A 156 -3.48 -13.38 -9.22
N VAL A 157 -3.19 -12.62 -10.28
CA VAL A 157 -4.23 -11.99 -11.07
C VAL A 157 -3.87 -12.08 -12.55
N ARG A 158 -4.86 -12.38 -13.39
CA ARG A 158 -4.64 -12.60 -14.81
C ARG A 158 -4.39 -11.29 -15.56
N LEU A 159 -3.49 -11.35 -16.55
CA LEU A 159 -3.11 -10.15 -17.30
C LEU A 159 -3.27 -10.41 -18.79
N ASP A 160 -3.85 -9.46 -19.51
CA ASP A 160 -3.97 -9.61 -20.96
C ASP A 160 -2.65 -9.24 -21.63
N VAL A 161 -1.79 -10.25 -21.79
CA VAL A 161 -0.44 -10.02 -22.31
C VAL A 161 -0.45 -9.56 -23.77
N ALA A 162 -1.26 -10.22 -24.61
CA ALA A 162 -1.26 -9.88 -26.02
C ALA A 162 -1.65 -8.41 -26.18
N TYR A 163 -2.62 -8.00 -25.38
CA TYR A 163 -3.14 -6.63 -25.40
C TYR A 163 -2.05 -5.62 -25.04
N LEU A 164 -1.34 -5.89 -23.97
CA LEU A 164 -0.26 -4.98 -23.55
C LEU A 164 0.88 -4.95 -24.58
N ARG A 165 1.15 -6.09 -25.22
CA ARG A 165 2.16 -6.11 -26.29
C ARG A 165 1.77 -5.18 -27.42
N ALA A 166 0.51 -5.21 -27.84
CA ALA A 166 0.07 -4.36 -28.93
C ALA A 166 0.08 -2.92 -28.47
N LEU A 167 -0.35 -2.71 -27.24
CA LEU A 167 -0.34 -1.35 -26.69
C LEU A 167 1.10 -0.77 -26.66
N SER A 168 2.09 -1.61 -26.34
CA SER A 168 3.49 -1.17 -26.32
C SER A 168 3.94 -0.55 -27.65
N LEU A 169 3.63 -1.23 -28.74
CA LEU A 169 4.08 -0.78 -30.06
C LEU A 169 3.43 0.55 -30.43
N GLU A 170 2.15 0.69 -30.11
CA GLU A 170 1.41 1.94 -30.35
C GLU A 170 2.04 3.10 -29.58
N VAL A 171 2.27 2.87 -28.29
CA VAL A 171 2.85 3.89 -27.42
C VAL A 171 4.28 4.23 -27.85
N ALA A 172 5.04 3.22 -28.29
CA ALA A 172 6.39 3.47 -28.80
C ALA A 172 6.37 4.45 -29.98
N GLU A 173 5.39 4.29 -30.86
CA GLU A 173 5.34 5.17 -32.04
C GLU A 173 5.01 6.61 -31.69
N GLU A 174 4.11 6.80 -30.72
CA GLU A 174 3.77 8.15 -30.23
C GLU A 174 4.97 8.78 -29.49
N ILE A 175 5.71 7.97 -28.73
CA ILE A 175 6.92 8.45 -28.06
C ILE A 175 7.93 8.97 -29.09
N ALA A 176 8.06 8.24 -30.20
CA ALA A 176 8.95 8.67 -31.27
C ALA A 176 8.49 10.01 -31.85
N ARG A 177 7.18 10.18 -32.09
CA ARG A 177 6.69 11.49 -32.55
C ARG A 177 7.03 12.62 -31.56
N LEU A 178 6.82 12.38 -30.27
CA LEU A 178 7.13 13.38 -29.25
C LEU A 178 8.61 13.72 -29.15
N GLU A 179 9.48 12.70 -29.19
CA GLU A 179 10.93 12.92 -29.07
C GLU A 179 11.37 13.78 -30.23
N ALA A 180 10.91 13.41 -31.42
CA ALA A 180 11.30 14.08 -32.64
C ALA A 180 10.93 15.56 -32.58
N GLU A 181 9.71 15.84 -32.12
CA GLU A 181 9.25 17.21 -31.99
C GLU A 181 10.08 17.98 -30.95
N VAL A 182 10.39 17.34 -29.82
CA VAL A 182 11.16 17.99 -28.77
C VAL A 182 12.55 18.36 -29.26
N PHE A 183 13.17 17.44 -30.01
CA PHE A 183 14.51 17.65 -30.53
C PHE A 183 14.51 18.76 -31.57
N ARG A 184 13.47 18.80 -32.41
CA ARG A 184 13.40 19.89 -33.37
C ARG A 184 13.36 21.21 -32.60
N LEU A 185 12.55 21.26 -31.55
CA LEU A 185 12.39 22.51 -30.79
C LEU A 185 13.65 22.88 -30.02
N ALA A 186 14.34 21.88 -29.51
CA ALA A 186 15.58 22.13 -28.77
C ALA A 186 16.67 22.55 -29.74
N GLY A 187 16.49 22.17 -31.01
CA GLY A 187 17.43 22.47 -32.06
C GLY A 187 18.49 21.39 -32.18
N HIS A 188 18.34 20.32 -31.39
CA HIS A 188 19.32 19.24 -31.35
C HIS A 188 18.81 18.11 -30.46
N PRO A 189 19.17 16.87 -30.79
CA PRO A 189 18.79 15.73 -29.95
C PRO A 189 19.58 15.74 -28.64
N PHE A 190 19.02 15.12 -27.61
CA PHE A 190 19.73 14.88 -26.37
C PHE A 190 18.98 13.73 -25.68
N ASN A 191 19.43 13.30 -24.51
CA ASN A 191 18.70 12.24 -23.81
C ASN A 191 17.54 12.84 -23.06
N LEU A 192 16.35 12.71 -23.61
CA LEU A 192 15.15 13.27 -23.00
C LEU A 192 14.78 12.59 -21.66
N ASN A 193 15.32 11.41 -21.41
CA ASN A 193 15.13 10.75 -20.10
C ASN A 193 16.09 11.26 -19.02
N SER A 194 17.07 12.06 -19.42
CA SER A 194 18.00 12.62 -18.43
C SER A 194 17.50 13.97 -17.94
N ARG A 195 17.11 14.07 -16.67
CA ARG A 195 16.63 15.36 -16.16
C ARG A 195 17.77 16.39 -16.09
N ASP A 196 19.02 15.94 -16.00
CA ASP A 196 20.17 16.85 -16.02
C ASP A 196 20.32 17.50 -17.41
N GLN A 197 20.20 16.70 -18.46
CA GLN A 197 20.27 17.23 -19.81
C GLN A 197 19.07 18.13 -20.10
N LEU A 198 17.88 17.70 -19.67
CA LEU A 198 16.69 18.52 -19.86
C LEU A 198 16.80 19.88 -19.14
N GLU A 199 17.34 19.86 -17.94
CA GLU A 199 17.51 21.10 -17.17
C GLU A 199 18.33 22.15 -17.94
N ARG A 200 19.41 21.70 -18.57
CA ARG A 200 20.26 22.60 -19.31
C ARG A 200 19.51 23.17 -20.51
N VAL A 201 18.80 22.29 -21.21
CA VAL A 201 18.08 22.71 -22.39
C VAL A 201 17.04 23.76 -22.06
N LEU A 202 16.22 23.47 -21.06
CA LEU A 202 15.14 24.36 -20.69
C LEU A 202 15.67 25.69 -20.17
N PHE A 203 16.63 25.62 -19.26
CA PHE A 203 17.01 26.80 -18.48
C PHE A 203 18.26 27.51 -18.96
N ASP A 204 19.20 26.79 -19.57
CA ASP A 204 20.39 27.44 -20.10
C ASP A 204 20.26 27.75 -21.59
N GLU A 205 19.70 26.82 -22.34
CA GLU A 205 19.62 26.99 -23.79
C GLU A 205 18.39 27.75 -24.26
N LEU A 206 17.23 27.39 -23.73
CA LEU A 206 15.99 28.09 -24.12
C LEU A 206 15.69 29.30 -23.23
N GLY A 207 16.46 29.45 -22.16
CA GLY A 207 16.32 30.63 -21.32
C GLY A 207 14.98 30.74 -20.61
N LEU A 208 14.32 29.61 -20.36
CA LEU A 208 13.10 29.62 -19.55
C LEU A 208 13.43 29.92 -18.09
N PRO A 209 12.47 30.50 -17.35
CA PRO A 209 12.71 30.78 -15.93
C PRO A 209 12.65 29.51 -15.09
N ALA A 210 13.66 29.33 -14.23
CA ALA A 210 13.64 28.28 -13.23
C ALA A 210 12.64 28.66 -12.15
N ILE A 211 11.93 27.68 -11.60
CA ILE A 211 10.89 27.95 -10.63
C ILE A 211 11.26 27.42 -9.27
N GLY A 212 11.77 26.19 -9.24
CA GLY A 212 12.11 25.55 -7.97
C GLY A 212 13.42 24.78 -8.05
N LYS A 213 13.92 24.40 -6.88
CA LYS A 213 15.15 23.64 -6.82
C LYS A 213 14.92 22.28 -6.19
N THR A 214 15.80 21.34 -6.52
CA THR A 214 15.64 19.97 -6.01
C THR A 214 16.17 19.84 -4.60
N GLU A 215 15.70 18.83 -3.87
CA GLU A 215 15.93 18.78 -2.43
C GLU A 215 17.39 18.56 -2.01
N LYS A 216 17.99 17.47 -2.47
CA LYS A 216 19.33 17.08 -1.99
C LYS A 216 20.49 17.81 -2.65
N THR A 217 20.36 18.09 -3.94
CA THR A 217 21.49 18.64 -4.67
C THR A 217 21.26 20.05 -5.22
N GLY A 218 20.04 20.57 -5.10
CA GLY A 218 19.83 21.97 -5.45
C GLY A 218 19.87 22.29 -6.93
N LYS A 219 19.50 21.32 -7.77
CA LYS A 219 19.42 21.57 -9.20
CA LYS A 219 19.40 21.54 -9.21
C LYS A 219 18.11 22.30 -9.49
N ARG A 220 18.04 22.95 -10.66
CA ARG A 220 16.77 23.57 -11.06
C ARG A 220 15.84 22.44 -11.43
N SER A 221 14.71 22.33 -10.72
CA SER A 221 13.78 21.23 -10.89
C SER A 221 13.11 21.22 -12.28
N THR A 222 12.87 20.02 -12.80
CA THR A 222 12.08 19.87 -14.03
C THR A 222 10.82 19.04 -13.75
N SER A 223 10.36 19.07 -12.51
CA SER A 223 9.19 18.27 -12.13
C SER A 223 7.95 18.69 -12.89
N ALA A 224 6.92 17.85 -12.85
CA ALA A 224 5.65 18.16 -13.50
C ALA A 224 5.11 19.50 -13.04
N ALA A 225 5.16 19.75 -11.73
CA ALA A 225 4.70 21.04 -11.19
C ALA A 225 5.39 22.25 -11.83
N VAL A 226 6.70 22.16 -11.99
CA VAL A 226 7.46 23.23 -12.63
C VAL A 226 7.05 23.38 -14.09
N LEU A 227 6.99 22.25 -14.79
CA LEU A 227 6.63 22.24 -16.21
C LEU A 227 5.23 22.79 -16.43
N GLU A 228 4.28 22.36 -15.60
CA GLU A 228 2.92 22.87 -15.69
C GLU A 228 2.92 24.38 -15.62
N ALA A 229 3.72 24.93 -14.70
CA ALA A 229 3.74 26.37 -14.54
C ALA A 229 4.32 27.03 -15.80
N LEU A 230 5.19 26.30 -16.49
CA LEU A 230 5.88 26.81 -17.67
C LEU A 230 5.16 26.42 -18.97
N ARG A 231 3.95 25.90 -18.82
CA ARG A 231 3.23 25.34 -19.96
C ARG A 231 3.02 26.31 -21.13
N GLU A 232 2.90 27.59 -20.83
CA GLU A 232 2.66 28.57 -21.89
C GLU A 232 3.89 29.41 -22.28
N ALA A 233 5.03 29.14 -21.64
CA ALA A 233 6.25 29.89 -21.92
C ALA A 233 6.91 29.44 -23.22
N HIS A 234 6.67 28.19 -23.61
CA HIS A 234 7.34 27.63 -24.79
C HIS A 234 6.66 26.34 -25.26
N PRO A 235 6.53 26.16 -26.57
CA PRO A 235 5.84 24.96 -27.06
C PRO A 235 6.49 23.65 -26.61
N ILE A 236 7.81 23.64 -26.39
CA ILE A 236 8.49 22.42 -25.97
C ILE A 236 7.92 21.80 -24.68
N VAL A 237 7.40 22.65 -23.79
CA VAL A 237 7.01 22.17 -22.46
C VAL A 237 5.90 21.15 -22.50
N GLU A 238 4.84 21.47 -23.21
CA GLU A 238 3.71 20.56 -23.33
C GLU A 238 4.19 19.21 -23.86
N LYS A 239 5.07 19.24 -24.86
CA LYS A 239 5.52 18.00 -25.48
C LYS A 239 6.30 17.18 -24.46
N ILE A 240 7.09 17.84 -23.62
CA ILE A 240 7.83 17.15 -22.56
C ILE A 240 6.92 16.50 -21.52
N LEU A 241 5.85 17.18 -21.13
CA LEU A 241 4.91 16.59 -20.18
C LEU A 241 4.25 15.35 -20.80
N GLN A 242 3.91 15.42 -22.08
CA GLN A 242 3.32 14.27 -22.75
C GLN A 242 4.35 13.16 -22.80
N TYR A 243 5.60 13.48 -23.14
CA TYR A 243 6.66 12.48 -23.18
C TYR A 243 6.83 11.81 -21.82
N ARG A 244 6.76 12.62 -20.76
CA ARG A 244 6.98 12.12 -19.41
C ARG A 244 5.88 11.10 -19.06
N GLU A 245 4.65 11.44 -19.42
CA GLU A 245 3.52 10.56 -19.10
C GLU A 245 3.64 9.23 -19.82
N LEU A 246 3.82 9.26 -21.14
CA LEU A 246 3.92 8.02 -21.92
C LEU A 246 5.10 7.12 -21.52
N THR A 247 6.28 7.73 -21.32
CA THR A 247 7.46 6.94 -20.95
C THR A 247 7.32 6.38 -19.55
N LYS A 248 6.78 7.16 -18.64
CA LYS A 248 6.53 6.66 -17.28
C LYS A 248 5.68 5.37 -17.33
N LEU A 249 4.59 5.45 -18.07
CA LEU A 249 3.64 4.34 -18.11
C LEU A 249 4.18 3.15 -18.91
N LYS A 250 4.97 3.42 -19.96
CA LYS A 250 5.54 2.34 -20.76
C LYS A 250 6.63 1.62 -19.95
N SER A 251 7.52 2.38 -19.33
CA SER A 251 8.64 1.79 -18.62
C SER A 251 8.23 1.10 -17.30
N THR A 252 7.14 1.55 -16.69
CA THR A 252 6.73 1.02 -15.38
C THR A 252 5.68 -0.09 -15.45
N TYR A 253 4.83 -0.10 -16.47
CA TYR A 253 3.73 -1.07 -16.51
C TYR A 253 3.71 -1.84 -17.81
N ILE A 254 3.71 -1.12 -18.94
CA ILE A 254 3.42 -1.76 -20.21
C ILE A 254 4.50 -2.79 -20.54
N ASP A 255 5.75 -2.42 -20.33
CA ASP A 255 6.84 -3.31 -20.72
C ASP A 255 7.18 -4.37 -19.67
N PRO A 256 7.25 -3.99 -18.38
CA PRO A 256 7.65 -4.98 -17.37
C PRO A 256 6.62 -6.05 -17.07
N LEU A 257 5.33 -5.71 -17.01
CA LEU A 257 4.35 -6.64 -16.45
C LEU A 257 4.25 -7.96 -17.22
N PRO A 258 4.19 -7.90 -18.56
CA PRO A 258 4.05 -9.13 -19.36
C PRO A 258 5.20 -10.10 -19.11
N ASP A 259 6.36 -9.60 -18.71
CA ASP A 259 7.49 -10.49 -18.44
C ASP A 259 7.43 -11.10 -17.04
N LEU A 260 6.42 -10.72 -16.25
CA LEU A 260 6.33 -11.21 -14.87
C LEU A 260 5.27 -12.28 -14.70
N ILE A 261 4.75 -12.76 -15.82
CA ILE A 261 3.74 -13.81 -15.77
C ILE A 261 4.40 -15.12 -15.33
N HIS A 262 3.82 -15.80 -14.36
CA HIS A 262 4.41 -17.01 -13.87
C HIS A 262 4.10 -18.17 -14.82
N PRO A 263 5.10 -18.99 -15.15
CA PRO A 263 4.93 -20.06 -16.15
C PRO A 263 3.89 -21.09 -15.75
N ARG A 264 3.71 -21.28 -14.45
CA ARG A 264 2.81 -22.32 -13.97
C ARG A 264 1.37 -21.83 -13.87
N THR A 265 1.18 -20.60 -13.44
CA THR A 265 -0.16 -20.11 -13.13
C THR A 265 -0.73 -19.31 -14.29
N GLY A 266 0.14 -18.76 -15.12
CA GLY A 266 -0.27 -17.80 -16.13
C GLY A 266 -0.72 -16.46 -15.57
N ARG A 267 -0.31 -16.15 -14.33
CA ARG A 267 -0.81 -14.94 -13.70
C ARG A 267 0.31 -14.09 -13.10
N LEU A 268 -0.01 -12.86 -12.69
CA LEU A 268 0.90 -11.96 -12.01
C LEU A 268 0.80 -12.16 -10.51
N HIS A 269 1.93 -12.24 -9.82
CA HIS A 269 1.90 -12.48 -8.39
C HIS A 269 2.67 -11.43 -7.62
N THR A 270 1.97 -10.52 -6.97
CA THR A 270 2.60 -9.49 -6.16
C THR A 270 2.94 -10.07 -4.77
N ARG A 271 3.68 -9.28 -3.99
CA ARG A 271 3.94 -9.58 -2.57
C ARG A 271 3.24 -8.51 -1.75
N PHE A 272 2.44 -8.94 -0.77
CA PHE A 272 1.81 -8.00 0.14
C PHE A 272 2.62 -7.95 1.44
N ASN A 273 3.43 -6.90 1.55
CA ASN A 273 4.33 -6.74 2.69
C ASN A 273 3.58 -6.30 3.93
N GLN A 274 3.72 -7.06 5.00
CA GLN A 274 2.90 -6.88 6.19
C GLN A 274 3.54 -6.02 7.29
N THR A 275 4.85 -5.84 7.23
CA THR A 275 5.54 -4.98 8.22
C THR A 275 6.39 -3.94 7.51
N ALA A 276 5.74 -3.11 6.68
CA ALA A 276 6.48 -2.22 5.79
C ALA A 276 6.18 -0.75 5.98
N THR A 277 5.07 -0.42 6.65
CA THR A 277 4.67 0.99 6.75
C THR A 277 4.59 1.50 8.21
N ALA A 278 4.68 2.82 8.37
CA ALA A 278 4.65 3.43 9.70
C ALA A 278 3.25 3.52 10.28
N THR A 279 2.23 3.23 9.46
CA THR A 279 0.85 3.50 9.88
C THR A 279 0.02 2.23 10.07
N GLY A 280 0.50 1.11 9.55
CA GLY A 280 -0.25 -0.13 9.62
C GLY A 280 -0.89 -0.52 8.30
N ARG A 281 -0.71 0.33 7.27
CA ARG A 281 -1.07 -0.09 5.91
C ARG A 281 -0.18 -1.25 5.44
N LEU A 282 -0.70 -2.01 4.48
CA LEU A 282 0.10 -2.97 3.69
C LEU A 282 0.90 -2.19 2.65
N SER A 283 1.90 -2.83 2.06
CA SER A 283 2.48 -2.31 0.81
C SER A 283 2.49 -3.47 -0.16
N SER A 284 2.76 -3.19 -1.43
CA SER A 284 2.81 -4.22 -2.47
C SER A 284 4.09 -4.04 -3.28
N SER A 285 4.78 -5.13 -3.61
CA SER A 285 6.00 -5.00 -4.38
C SER A 285 6.28 -6.24 -5.21
N ASP A 286 7.09 -6.06 -6.25
CA ASP A 286 7.64 -7.20 -6.98
C ASP A 286 6.63 -8.08 -7.74
N PRO A 287 5.70 -7.49 -8.50
CA PRO A 287 5.56 -6.07 -8.81
C PRO A 287 4.62 -5.37 -7.85
N ASN A 288 4.65 -4.04 -7.86
CA ASN A 288 3.69 -3.27 -7.08
C ASN A 288 2.39 -3.21 -7.86
N LEU A 289 1.32 -3.76 -7.28
CA LEU A 289 0.02 -3.77 -7.93
C LEU A 289 -0.94 -2.84 -7.20
N GLN A 290 -0.41 -2.03 -6.28
CA GLN A 290 -1.22 -1.03 -5.61
C GLN A 290 -1.04 0.35 -6.24
N ASN A 291 -0.27 0.44 -7.32
CA ASN A 291 -0.19 1.71 -8.03
C ASN A 291 -0.42 1.59 -9.54
N ILE A 292 -1.30 0.67 -9.93
CA ILE A 292 -1.68 0.54 -11.35
C ILE A 292 -2.44 1.80 -11.80
N PRO A 293 -2.10 2.35 -12.99
CA PRO A 293 -2.64 3.64 -13.42
C PRO A 293 -4.15 3.62 -13.53
N VAL A 294 -4.77 4.79 -13.38
CA VAL A 294 -6.22 4.87 -13.53
C VAL A 294 -6.67 6.27 -13.94
N ARG A 295 -5.80 7.25 -13.75
CA ARG A 295 -6.21 8.65 -13.94
C ARG A 295 -6.31 9.10 -15.41
N THR A 296 -5.28 8.81 -16.21
CA THR A 296 -5.23 9.32 -17.59
C THR A 296 -5.79 8.29 -18.57
N PRO A 297 -6.10 8.71 -19.80
CA PRO A 297 -6.62 7.76 -20.79
C PRO A 297 -5.69 6.58 -21.03
N LEU A 298 -4.39 6.84 -21.12
CA LEU A 298 -3.46 5.74 -21.34
C LEU A 298 -3.43 4.86 -20.10
N GLY A 299 -3.49 5.50 -18.93
CA GLY A 299 -3.49 4.78 -17.67
C GLY A 299 -4.67 3.82 -17.62
N GLN A 300 -5.83 4.35 -17.98
CA GLN A 300 -7.05 3.53 -18.02
C GLN A 300 -6.92 2.36 -18.99
N ARG A 301 -6.25 2.59 -20.12
CA ARG A 301 -6.03 1.51 -21.07
C ARG A 301 -5.17 0.41 -20.47
N ILE A 302 -4.21 0.80 -19.63
CA ILE A 302 -3.37 -0.18 -18.95
C ILE A 302 -4.17 -0.95 -17.88
N ARG A 303 -4.99 -0.24 -17.13
CA ARG A 303 -5.80 -0.93 -16.13
C ARG A 303 -6.72 -2.00 -16.77
N ARG A 304 -7.11 -1.82 -18.03
CA ARG A 304 -7.94 -2.82 -18.72
C ARG A 304 -7.24 -4.16 -18.94
N ALA A 305 -5.92 -4.18 -18.82
CA ALA A 305 -5.16 -5.41 -19.04
C ALA A 305 -5.35 -6.41 -17.89
N PHE A 306 -5.84 -5.91 -16.75
CA PHE A 306 -6.13 -6.78 -15.62
C PHE A 306 -7.52 -7.37 -15.75
N ILE A 307 -7.59 -8.67 -15.97
CA ILE A 307 -8.87 -9.29 -16.35
C ILE A 307 -9.19 -10.52 -15.49
N ALA A 308 -10.42 -11.02 -15.58
CA ALA A 308 -10.81 -12.20 -14.81
C ALA A 308 -10.46 -13.45 -15.59
N GLU A 309 -10.36 -14.57 -14.89
CA GLU A 309 -10.22 -15.86 -15.54
C GLU A 309 -11.42 -16.06 -16.46
N GLU A 310 -11.21 -16.81 -17.54
CA GLU A 310 -12.30 -17.16 -18.45
CA GLU A 310 -12.30 -17.14 -18.45
C GLU A 310 -13.48 -17.70 -17.67
N GLY A 311 -14.65 -17.09 -17.83
CA GLY A 311 -15.85 -17.59 -17.18
C GLY A 311 -16.11 -17.00 -15.80
N TRP A 312 -15.24 -16.10 -15.38
CA TRP A 312 -15.36 -15.43 -14.09
C TRP A 312 -15.49 -13.92 -14.31
N LEU A 313 -15.69 -13.17 -13.22
CA LEU A 313 -15.74 -11.72 -13.30
C LEU A 313 -14.97 -11.10 -12.13
N LEU A 314 -14.44 -9.91 -12.33
CA LEU A 314 -13.82 -9.16 -11.24
C LEU A 314 -14.90 -8.46 -10.45
N VAL A 315 -14.73 -8.38 -9.14
CA VAL A 315 -15.62 -7.58 -8.32
C VAL A 315 -14.78 -6.58 -7.54
N ALA A 316 -15.01 -5.29 -7.74
CA ALA A 316 -14.21 -4.27 -7.08
C ALA A 316 -15.02 -3.53 -6.04
N LEU A 317 -14.50 -3.49 -4.82
CA LEU A 317 -15.19 -2.83 -3.71
C LEU A 317 -14.31 -1.76 -3.12
N ASP A 318 -14.85 -0.57 -2.91
N ASP A 318 -14.86 -0.57 -2.94
CA ASP A 318 -14.09 0.59 -2.46
CA ASP A 318 -14.12 0.59 -2.45
C ASP A 318 -14.85 1.31 -1.35
C ASP A 318 -14.88 1.26 -1.31
N TYR A 319 -14.23 1.47 -0.18
CA TYR A 319 -14.83 2.27 0.88
C TYR A 319 -14.93 3.71 0.39
N SER A 320 -16.07 4.34 0.61
CA SER A 320 -16.26 5.74 0.25
C SER A 320 -15.71 6.64 1.33
N GLN A 321 -14.81 7.53 0.94
CA GLN A 321 -14.26 8.57 1.81
C GLN A 321 -13.88 8.01 3.16
N ILE A 322 -13.19 6.88 3.18
CA ILE A 322 -13.03 6.20 4.45
C ILE A 322 -12.27 7.02 5.49
N GLU A 323 -11.28 7.79 5.06
CA GLU A 323 -10.52 8.56 6.03
C GLU A 323 -11.32 9.69 6.67
N LEU A 324 -12.23 10.30 5.92
CA LEU A 324 -13.08 11.33 6.48
C LEU A 324 -14.07 10.75 7.48
N ARG A 325 -14.63 9.58 7.16
CA ARG A 325 -15.54 8.92 8.09
C ARG A 325 -14.83 8.53 9.38
N VAL A 326 -13.60 8.04 9.24
CA VAL A 326 -12.78 7.70 10.41
C VAL A 326 -12.53 8.96 11.23
N LEU A 327 -12.23 10.07 10.56
CA LEU A 327 -11.99 11.33 11.25
C LEU A 327 -13.22 11.76 12.05
N ALA A 328 -14.39 11.61 11.43
CA ALA A 328 -15.64 11.93 12.09
C ALA A 328 -15.77 11.12 13.38
N HIS A 329 -15.51 9.81 13.29
CA HIS A 329 -15.61 8.96 14.48
C HIS A 329 -14.57 9.32 15.54
N LEU A 330 -13.30 9.52 15.12
CA LEU A 330 -12.25 9.82 16.09
C LEU A 330 -12.44 11.17 16.78
N SER A 331 -12.84 12.18 16.01
CA SER A 331 -12.98 13.55 16.51
C SER A 331 -14.26 13.75 17.29
N GLY A 332 -15.32 13.06 16.88
CA GLY A 332 -16.63 13.27 17.44
C GLY A 332 -17.30 14.53 16.95
N ASP A 333 -16.77 15.15 15.91
CA ASP A 333 -17.37 16.38 15.38
C ASP A 333 -18.81 16.14 14.96
N GLU A 334 -19.72 16.95 15.48
CA GLU A 334 -21.15 16.74 15.22
C GLU A 334 -21.50 17.04 13.77
N ASN A 335 -21.00 18.15 13.26
CA ASN A 335 -21.27 18.56 11.88
C ASN A 335 -20.80 17.52 10.86
N LEU A 336 -19.60 17.00 11.05
CA LEU A 336 -19.02 15.99 10.15
C LEU A 336 -19.80 14.68 10.21
N ILE A 337 -20.10 14.23 11.44
CA ILE A 337 -20.87 13.02 11.66
C ILE A 337 -22.23 13.16 10.99
N ARG A 338 -22.85 14.33 11.16
CA ARG A 338 -24.16 14.58 10.55
C ARG A 338 -24.08 14.50 9.04
N VAL A 339 -23.05 15.09 8.46
CA VAL A 339 -22.82 15.02 7.02
C VAL A 339 -22.92 13.60 6.48
N PHE A 340 -22.36 12.65 7.22
CA PHE A 340 -22.38 11.25 6.80
C PHE A 340 -23.70 10.53 7.12
N GLN A 341 -24.23 10.77 8.32
CA GLN A 341 -25.49 10.16 8.73
C GLN A 341 -26.63 10.58 7.82
N GLU A 342 -26.58 11.82 7.35
CA GLU A 342 -27.62 12.34 6.47
C GLU A 342 -27.48 11.76 5.06
N GLY A 343 -26.26 11.75 4.53
CA GLY A 343 -26.01 11.20 3.22
C GLY A 343 -25.33 12.16 2.28
N ARG A 344 -24.85 13.28 2.81
CA ARG A 344 -24.12 14.27 2.02
C ARG A 344 -22.79 13.72 1.50
N ASP A 345 -22.21 14.40 0.52
CA ASP A 345 -20.94 14.00 -0.06
C ASP A 345 -19.95 15.16 -0.06
N ILE A 346 -18.74 14.90 0.41
CA ILE A 346 -17.73 15.94 0.54
C ILE A 346 -16.85 16.10 -0.71
N HIS A 347 -16.33 14.98 -1.22
CA HIS A 347 -15.52 15.00 -2.44
C HIS A 347 -16.20 15.67 -3.63
N THR A 348 -17.44 15.28 -3.91
CA THR A 348 -18.18 15.84 -5.05
C THR A 348 -18.47 17.33 -4.87
N GLU A 349 -18.71 17.73 -3.62
CA GLU A 349 -19.03 19.11 -3.30
C GLU A 349 -17.88 20.11 -3.60
N THR A 350 -16.66 19.75 -3.23
CA THR A 350 -15.49 20.59 -3.54
C THR A 350 -15.19 20.58 -5.03
N ALA A 351 -15.56 19.49 -5.70
CA ALA A 351 -15.33 19.31 -7.13
C ALA A 351 -16.03 20.37 -7.99
N SER A 352 -17.36 20.46 -7.88
CA SER A 352 -18.11 21.44 -8.65
C SER A 352 -17.64 22.87 -8.41
N TRP A 353 -17.29 23.16 -7.16
CA TRP A 353 -16.75 24.47 -6.81
C TRP A 353 -15.45 24.71 -7.57
N MET A 354 -14.66 23.66 -7.72
CA MET A 354 -13.39 23.73 -8.42
C MET A 354 -13.51 23.23 -9.86
N VAL A 362 -19.88 17.39 -12.48
CA VAL A 362 -18.76 16.72 -11.83
C VAL A 362 -18.70 15.22 -12.15
N ASP A 363 -17.79 14.85 -13.04
CA ASP A 363 -17.55 13.44 -13.37
C ASP A 363 -16.45 12.86 -12.46
N PRO A 364 -16.11 11.58 -12.66
CA PRO A 364 -15.10 10.91 -11.83
C PRO A 364 -13.73 11.58 -11.96
N LEU A 365 -13.50 12.24 -13.08
CA LEU A 365 -12.23 12.90 -13.36
C LEU A 365 -12.03 14.13 -12.46
N MET A 366 -13.00 15.05 -12.48
CA MET A 366 -12.88 16.27 -11.69
C MET A 366 -13.17 16.05 -10.21
N ARG A 367 -13.70 14.88 -9.88
CA ARG A 367 -13.94 14.52 -8.50
C ARG A 367 -12.66 14.02 -7.82
N ARG A 368 -11.80 13.36 -8.60
CA ARG A 368 -10.51 12.89 -8.11
C ARG A 368 -9.62 14.05 -7.67
N ALA A 369 -9.62 15.12 -8.47
CA ALA A 369 -8.84 16.31 -8.16
C ALA A 369 -9.25 16.92 -6.82
N ALA A 370 -10.52 16.75 -6.46
CA ALA A 370 -11.02 17.22 -5.17
C ALA A 370 -10.40 16.45 -4.01
N LYS A 371 -9.99 15.21 -4.27
CA LYS A 371 -9.37 14.37 -3.25
C LYS A 371 -8.07 14.96 -2.73
N THR A 372 -7.25 15.47 -3.64
CA THR A 372 -6.01 16.14 -3.23
C THR A 372 -6.33 17.37 -2.38
N ILE A 373 -7.40 18.08 -2.75
CA ILE A 373 -7.81 19.30 -2.04
C ILE A 373 -8.28 19.04 -0.61
N ASN A 374 -9.50 18.51 -0.48
CA ASN A 374 -10.04 18.22 0.85
C ASN A 374 -9.07 17.45 1.75
N PHE A 375 -8.52 16.36 1.26
CA PHE A 375 -7.51 15.60 2.01
C PHE A 375 -6.24 16.43 2.26
N GLY A 376 -5.66 16.97 1.19
CA GLY A 376 -4.42 17.72 1.29
C GLY A 376 -4.44 18.84 2.30
N VAL A 377 -5.53 19.59 2.31
CA VAL A 377 -5.72 20.67 3.27
C VAL A 377 -5.89 20.09 4.68
N LEU A 378 -6.53 18.93 4.77
CA LEU A 378 -6.80 18.31 6.05
C LEU A 378 -5.51 17.90 6.79
N TYR A 379 -4.45 17.58 6.04
CA TYR A 379 -3.22 17.02 6.63
C TYR A 379 -2.06 17.99 6.72
N GLY A 380 -2.37 19.28 6.74
CA GLY A 380 -1.39 20.31 7.03
C GLY A 380 -0.90 21.08 5.82
N MET A 381 -1.57 20.92 4.68
CA MET A 381 -1.15 21.65 3.48
C MET A 381 -1.18 23.16 3.69
N SER A 382 -0.07 23.82 3.40
CA SER A 382 -0.01 25.27 3.54
C SER A 382 -0.92 25.95 2.53
N ALA A 383 -1.47 27.11 2.91
CA ALA A 383 -2.34 27.86 2.02
C ALA A 383 -1.63 28.13 0.70
N HIS A 384 -0.35 28.47 0.76
CA HIS A 384 0.44 28.70 -0.44
C HIS A 384 0.37 27.47 -1.34
N ARG A 385 0.30 26.29 -0.72
CA ARG A 385 0.19 25.05 -1.46
C ARG A 385 -1.16 24.95 -2.14
N LEU A 386 -2.22 25.06 -1.36
CA LEU A 386 -3.58 25.00 -1.89
C LEU A 386 -3.79 26.11 -2.93
N SER A 387 -3.16 27.25 -2.69
CA SER A 387 -3.26 28.38 -3.61
C SER A 387 -2.89 27.97 -5.01
N GLN A 388 -1.65 27.54 -5.19
CA GLN A 388 -1.12 27.17 -6.50
C GLN A 388 -1.61 25.81 -6.97
N GLU A 389 -2.21 25.05 -6.06
CA GLU A 389 -2.75 23.73 -6.41
C GLU A 389 -4.18 23.83 -6.93
N LEU A 390 -4.87 24.90 -6.54
CA LEU A 390 -6.23 25.14 -6.98
C LEU A 390 -6.28 26.16 -8.11
N ALA A 391 -5.13 26.75 -8.41
CA ALA A 391 -5.03 27.76 -9.46
C ALA A 391 -5.82 29.00 -9.12
N ILE A 392 -5.73 29.44 -7.87
CA ILE A 392 -6.51 30.58 -7.39
C ILE A 392 -5.68 31.52 -6.52
N PRO A 393 -6.20 32.73 -6.27
CA PRO A 393 -5.51 33.72 -5.44
C PRO A 393 -5.19 33.18 -4.05
N TYR A 394 -3.98 33.46 -3.56
CA TYR A 394 -3.56 33.00 -2.25
C TYR A 394 -4.50 33.50 -1.16
N GLU A 395 -5.13 34.64 -1.39
CA GLU A 395 -6.13 35.16 -0.46
C GLU A 395 -7.28 34.17 -0.34
N GLU A 396 -8.17 34.37 0.63
CA GLU A 396 -8.08 35.51 1.54
C GLU A 396 -6.93 35.32 2.54
N ALA A 397 -6.79 34.11 3.05
CA ALA A 397 -5.72 33.81 4.01
C ALA A 397 -4.56 33.02 3.39
N GLN A 398 -4.65 31.69 3.27
CA GLN A 398 -5.76 30.83 3.72
C GLN A 398 -7.16 31.17 3.22
N ALA A 399 -8.08 31.36 4.15
CA ALA A 399 -9.47 31.69 3.83
C ALA A 399 -10.25 30.45 3.38
N PHE A 400 -9.88 29.90 2.24
CA PHE A 400 -10.52 28.70 1.73
C PHE A 400 -10.27 27.50 2.65
N ILE A 401 -9.09 27.46 3.26
CA ILE A 401 -8.77 26.47 4.29
C ILE A 401 -9.42 26.87 5.61
N GLU A 402 -9.48 28.17 5.88
CA GLU A 402 -10.10 28.67 7.10
C GLU A 402 -11.58 28.34 7.13
N ARG A 403 -12.19 28.45 8.31
CA ARG A 403 -13.62 28.21 8.46
C ARG A 403 -13.92 26.72 8.44
N TYR A 404 -13.10 25.96 7.73
CA TYR A 404 -13.20 24.51 7.77
C TYR A 404 -13.21 24.10 9.23
N PHE A 405 -12.26 24.65 10.00
CA PHE A 405 -12.20 24.37 11.43
C PHE A 405 -13.37 25.01 12.14
N GLN A 406 -14.01 25.99 11.49
CA GLN A 406 -15.16 26.66 12.07
C GLN A 406 -16.39 25.76 11.96
N SER A 407 -16.63 25.24 10.77
CA SER A 407 -17.74 24.31 10.57
C SER A 407 -17.47 22.94 11.18
N PHE A 408 -16.19 22.58 11.31
CA PHE A 408 -15.82 21.29 11.86
C PHE A 408 -14.88 21.44 13.04
N PRO A 409 -15.32 22.21 14.05
CA PRO A 409 -14.47 22.65 15.17
C PRO A 409 -13.82 21.52 15.94
N LYS A 410 -14.52 20.41 16.11
CA LYS A 410 -14.00 19.29 16.89
C LYS A 410 -12.79 18.64 16.23
N VAL A 411 -12.60 18.90 14.94
CA VAL A 411 -11.50 18.31 14.22
C VAL A 411 -10.19 18.94 14.68
N ARG A 412 -10.16 20.27 14.78
CA ARG A 412 -8.96 20.95 15.23
C ARG A 412 -8.62 20.53 16.65
N ALA A 413 -9.64 20.50 17.51
CA ALA A 413 -9.50 20.05 18.88
C ALA A 413 -8.95 18.62 18.97
N TRP A 414 -9.45 17.73 18.12
CA TRP A 414 -8.89 16.39 18.06
C TRP A 414 -7.43 16.42 17.62
N ILE A 415 -7.10 17.25 16.63
CA ILE A 415 -5.70 17.35 16.21
C ILE A 415 -4.81 17.78 17.37
N GLU A 416 -5.24 18.83 18.07
CA GLU A 416 -4.44 19.38 19.17
C GLU A 416 -4.27 18.36 20.30
N LYS A 417 -5.34 17.66 20.65
CA LYS A 417 -5.30 16.67 21.71
C LYS A 417 -4.40 15.49 21.29
N THR A 418 -4.52 15.10 20.03
CA THR A 418 -3.67 14.03 19.52
C THR A 418 -2.19 14.38 19.66
N LEU A 419 -1.81 15.59 19.26
CA LEU A 419 -0.40 16.01 19.37
C LEU A 419 0.09 16.11 20.82
N GLU A 420 -0.74 16.66 21.69
CA GLU A 420 -0.34 16.81 23.08
CA GLU A 420 -0.38 16.81 23.09
C GLU A 420 -0.11 15.45 23.70
N GLU A 421 -0.96 14.49 23.37
CA GLU A 421 -0.80 13.16 23.92
C GLU A 421 0.43 12.49 23.35
N GLY A 422 0.66 12.68 22.06
CA GLY A 422 1.86 12.19 21.40
C GLY A 422 3.13 12.74 22.03
N ARG A 423 3.11 14.00 22.43
CA ARG A 423 4.29 14.59 23.06
C ARG A 423 4.61 13.95 24.41
N ARG A 424 3.56 13.70 25.19
CA ARG A 424 3.71 13.17 26.55
C ARG A 424 4.11 11.69 26.55
N ARG A 425 3.46 10.89 25.72
CA ARG A 425 3.72 9.44 25.69
C ARG A 425 4.81 9.03 24.71
N GLY A 426 5.01 9.85 23.68
CA GLY A 426 6.00 9.54 22.65
C GLY A 426 5.44 8.79 21.46
N TYR A 427 4.16 8.47 21.50
CA TYR A 427 3.52 7.81 20.36
C TYR A 427 2.07 8.24 20.22
N VAL A 428 1.49 7.90 19.08
CA VAL A 428 0.06 8.09 18.83
C VAL A 428 -0.52 6.71 18.46
N GLU A 429 -1.83 6.59 18.45
CA GLU A 429 -2.49 5.28 18.33
C GLU A 429 -3.70 5.33 17.41
N THR A 430 -4.02 4.21 16.75
CA THR A 430 -5.28 4.12 16.03
C THR A 430 -6.43 3.81 17.00
N LEU A 431 -7.64 3.67 16.45
CA LEU A 431 -8.81 3.33 17.23
C LEU A 431 -8.63 1.99 17.96
N PHE A 432 -7.91 1.07 17.32
N PHE A 432 -7.89 1.08 17.33
CA PHE A 432 -7.67 -0.24 17.91
CA PHE A 432 -7.66 -0.25 17.90
C PHE A 432 -6.48 -0.25 18.87
C PHE A 432 -6.33 -0.33 18.65
N GLY A 433 -5.66 0.81 18.82
CA GLY A 433 -4.48 0.86 19.64
C GLY A 433 -3.18 0.53 18.92
N ARG A 434 -3.18 0.45 17.58
CA ARG A 434 -1.92 0.35 16.86
C ARG A 434 -1.12 1.64 17.13
N ARG A 435 0.18 1.53 17.45
CA ARG A 435 0.99 2.69 17.84
C ARG A 435 2.01 3.08 16.79
N ARG A 436 2.32 4.38 16.72
CA ARG A 436 3.47 4.82 15.93
C ARG A 436 4.26 5.75 16.84
N TYR A 437 5.55 5.50 17.01
CA TYR A 437 6.33 6.39 17.87
C TYR A 437 6.79 7.62 17.05
N VAL A 438 6.54 8.82 17.57
CA VAL A 438 6.96 10.00 16.84
C VAL A 438 7.83 10.91 17.72
N PRO A 439 9.13 10.62 17.78
CA PRO A 439 9.97 11.36 18.72
C PRO A 439 10.14 12.84 18.38
N ASP A 440 10.07 13.21 17.10
CA ASP A 440 10.37 14.61 16.77
C ASP A 440 9.26 15.63 17.13
N LEU A 441 8.22 15.20 17.85
CA LEU A 441 7.18 16.14 18.25
C LEU A 441 7.73 17.21 19.19
N GLU A 442 8.91 16.94 19.72
CA GLU A 442 9.52 17.88 20.64
C GLU A 442 10.80 18.47 20.06
N ALA A 443 11.01 18.31 18.76
CA ALA A 443 12.17 18.93 18.12
C ALA A 443 12.14 20.43 18.33
N ARG A 444 13.32 21.04 18.48
CA ARG A 444 13.48 22.46 18.68
C ARG A 444 13.64 23.18 17.36
N VAL A 445 13.62 22.43 16.27
CA VAL A 445 13.62 23.03 14.94
C VAL A 445 12.19 22.99 14.39
N LYS A 446 11.62 24.16 14.09
CA LYS A 446 10.19 24.24 13.76
C LYS A 446 9.80 23.40 12.56
N SER A 447 10.56 23.51 11.47
CA SER A 447 10.21 22.72 10.28
C SER A 447 10.21 21.21 10.56
N VAL A 448 11.14 20.76 11.39
CA VAL A 448 11.20 19.34 11.74
C VAL A 448 10.03 18.95 12.64
N ARG A 449 9.78 19.78 13.64
CA ARG A 449 8.70 19.52 14.60
C ARG A 449 7.36 19.49 13.89
N GLU A 450 7.14 20.42 12.95
CA GLU A 450 5.85 20.50 12.31
C GLU A 450 5.68 19.37 11.28
N ALA A 451 6.78 18.97 10.65
CA ALA A 451 6.68 17.79 9.79
C ALA A 451 6.25 16.58 10.63
N ALA A 452 6.83 16.47 11.83
CA ALA A 452 6.50 15.38 12.74
C ALA A 452 5.03 15.44 13.17
N GLU A 453 4.55 16.64 13.43
CA GLU A 453 3.15 16.78 13.83
C GLU A 453 2.22 16.27 12.75
N ARG A 454 2.51 16.57 11.48
CA ARG A 454 1.66 16.10 10.39
C ARG A 454 1.68 14.56 10.28
N MET A 455 2.85 13.96 10.51
CA MET A 455 2.95 12.51 10.52
C MET A 455 2.14 11.94 11.68
N ALA A 456 2.25 12.57 12.85
CA ALA A 456 1.59 12.10 14.05
C ALA A 456 0.06 12.18 14.00
N PHE A 457 -0.51 13.30 13.56
CA PHE A 457 -1.95 13.33 13.58
C PHE A 457 -2.56 12.61 12.39
N ASN A 458 -1.75 12.39 11.35
CA ASN A 458 -2.24 11.60 10.22
C ASN A 458 -2.40 10.13 10.60
N MET A 459 -1.48 9.62 11.40
CA MET A 459 -1.40 8.18 11.62
C MET A 459 -2.69 7.54 12.17
N PRO A 460 -3.29 8.15 13.18
CA PRO A 460 -4.51 7.51 13.70
C PRO A 460 -5.60 7.43 12.64
N VAL A 461 -5.63 8.37 11.71
CA VAL A 461 -6.68 8.34 10.69
C VAL A 461 -6.39 7.28 9.61
N GLN A 462 -5.21 7.38 9.00
CA GLN A 462 -4.78 6.42 7.99
C GLN A 462 -4.69 5.00 8.56
N GLY A 463 -4.15 4.91 9.77
CA GLY A 463 -3.98 3.64 10.45
C GLY A 463 -5.28 2.97 10.88
N THR A 464 -6.25 3.75 11.33
CA THR A 464 -7.56 3.19 11.66
C THR A 464 -8.25 2.66 10.40
N ALA A 465 -8.18 3.43 9.31
CA ALA A 465 -8.68 2.95 8.02
C ALA A 465 -8.01 1.64 7.62
N ALA A 466 -6.70 1.54 7.84
CA ALA A 466 -5.97 0.32 7.51
C ALA A 466 -6.42 -0.82 8.44
N ASP A 467 -6.59 -0.51 9.71
CA ASP A 467 -7.05 -1.53 10.67
C ASP A 467 -8.42 -2.11 10.23
N LEU A 468 -9.31 -1.22 9.81
CA LEU A 468 -10.66 -1.61 9.41
C LEU A 468 -10.66 -2.49 8.17
N MET A 469 -9.81 -2.14 7.21
CA MET A 469 -9.72 -2.92 5.98
C MET A 469 -9.11 -4.30 6.24
N LYS A 470 -8.10 -4.36 7.11
CA LYS A 470 -7.48 -5.66 7.46
C LYS A 470 -8.48 -6.57 8.16
N LEU A 471 -9.22 -6.00 9.09
CA LEU A 471 -10.21 -6.77 9.84
C LEU A 471 -11.29 -7.27 8.87
N ALA A 472 -11.67 -6.41 7.93
CA ALA A 472 -12.69 -6.79 6.95
C ALA A 472 -12.20 -7.93 6.04
N MET A 473 -10.92 -7.89 5.66
CA MET A 473 -10.34 -8.95 4.84
C MET A 473 -10.34 -10.25 5.63
N VAL A 474 -10.04 -10.16 6.93
CA VAL A 474 -10.03 -11.37 7.78
C VAL A 474 -11.44 -11.96 7.93
N LYS A 475 -12.44 -11.09 8.07
CA LYS A 475 -13.82 -11.57 8.15
C LYS A 475 -14.31 -12.12 6.81
N LEU A 476 -13.90 -11.48 5.72
CA LEU A 476 -14.46 -11.79 4.41
C LEU A 476 -13.87 -13.06 3.81
N PHE A 477 -12.58 -13.28 4.05
CA PHE A 477 -11.89 -14.39 3.37
C PHE A 477 -12.60 -15.77 3.49
N PRO A 478 -12.97 -16.18 4.70
CA PRO A 478 -13.59 -17.53 4.79
C PRO A 478 -14.95 -17.60 4.09
N ARG A 479 -15.72 -16.51 4.09
CA ARG A 479 -16.98 -16.49 3.34
C ARG A 479 -16.72 -16.71 1.85
N LEU A 480 -15.70 -16.05 1.31
CA LEU A 480 -15.38 -16.20 -0.12
C LEU A 480 -14.99 -17.65 -0.45
N GLU A 481 -14.19 -18.28 0.40
CA GLU A 481 -13.85 -19.69 0.14
C GLU A 481 -15.13 -20.51 0.01
N GLU A 482 -16.06 -20.31 0.93
CA GLU A 482 -17.29 -21.08 0.92
C GLU A 482 -18.09 -20.85 -0.36
N MET A 483 -17.98 -19.67 -0.94
CA MET A 483 -18.74 -19.36 -2.16
C MET A 483 -17.93 -19.67 -3.42
N GLY A 484 -16.74 -20.22 -3.26
CA GLY A 484 -15.90 -20.55 -4.40
C GLY A 484 -15.39 -19.31 -5.11
N ALA A 485 -15.19 -18.23 -4.36
CA ALA A 485 -14.65 -17.00 -4.92
C ALA A 485 -13.24 -16.71 -4.38
N ARG A 486 -12.56 -15.75 -4.99
CA ARG A 486 -11.15 -15.49 -4.66
C ARG A 486 -10.98 -14.01 -4.28
N MET A 487 -10.09 -13.75 -3.33
CA MET A 487 -9.67 -12.40 -3.02
C MET A 487 -8.33 -12.23 -3.73
N LEU A 488 -8.21 -11.20 -4.57
CA LEU A 488 -7.01 -11.06 -5.42
C LEU A 488 -6.05 -9.96 -4.95
N LEU A 489 -6.60 -8.76 -4.72
CA LEU A 489 -5.77 -7.60 -4.42
C LEU A 489 -6.43 -6.73 -3.39
N GLN A 490 -5.60 -6.05 -2.61
CA GLN A 490 -6.04 -4.95 -1.75
C GLN A 490 -5.28 -3.70 -2.20
N VAL A 491 -5.99 -2.60 -2.33
CA VAL A 491 -5.37 -1.31 -2.64
C VAL A 491 -5.79 -0.28 -1.58
N HIS A 492 -5.39 -0.54 -0.35
CA HIS A 492 -5.60 0.36 0.78
C HIS A 492 -7.04 0.47 1.26
N ASP A 493 -7.92 1.00 0.44
CA ASP A 493 -9.33 1.09 0.83
C ASP A 493 -10.22 0.35 -0.16
N GLU A 494 -9.60 -0.42 -1.05
CA GLU A 494 -10.33 -1.15 -2.08
CA GLU A 494 -10.38 -1.18 -2.00
C GLU A 494 -9.91 -2.62 -2.07
N LEU A 495 -10.83 -3.50 -2.42
CA LEU A 495 -10.53 -4.90 -2.56
C LEU A 495 -10.96 -5.33 -3.97
N VAL A 496 -10.18 -6.19 -4.58
CA VAL A 496 -10.56 -6.78 -5.85
C VAL A 496 -10.69 -8.28 -5.68
N LEU A 497 -11.87 -8.80 -6.00
CA LEU A 497 -12.18 -10.23 -5.89
C LEU A 497 -12.38 -10.78 -7.28
N GLU A 498 -12.42 -12.11 -7.38
CA GLU A 498 -12.74 -12.79 -8.63
C GLU A 498 -13.81 -13.83 -8.29
N ALA A 499 -14.87 -13.90 -9.08
CA ALA A 499 -15.97 -14.83 -8.79
C ALA A 499 -16.48 -15.49 -10.07
N PRO A 500 -16.95 -16.73 -9.96
CA PRO A 500 -17.61 -17.34 -11.12
C PRO A 500 -18.75 -16.42 -11.56
N LYS A 501 -18.97 -16.29 -12.87
CA LYS A 501 -19.92 -15.31 -13.38
C LYS A 501 -21.30 -15.43 -12.74
N GLU A 502 -21.77 -16.67 -12.57
CA GLU A 502 -23.08 -16.94 -11.98
C GLU A 502 -23.17 -16.51 -10.53
N ARG A 503 -22.03 -16.40 -9.86
CA ARG A 503 -21.99 -16.08 -8.44
C ARG A 503 -21.57 -14.64 -8.15
N ALA A 504 -21.06 -13.93 -9.16
CA ALA A 504 -20.46 -12.61 -8.93
C ALA A 504 -21.39 -11.67 -8.20
N GLU A 505 -22.67 -11.68 -8.57
CA GLU A 505 -23.62 -10.77 -7.96
C GLU A 505 -23.81 -11.06 -6.46
N ALA A 506 -23.91 -12.34 -6.10
CA ALA A 506 -24.08 -12.75 -4.70
C ALA A 506 -22.82 -12.47 -3.88
N VAL A 507 -21.66 -12.64 -4.52
CA VAL A 507 -20.39 -12.31 -3.88
C VAL A 507 -20.33 -10.80 -3.59
N ALA A 508 -20.63 -9.99 -4.59
CA ALA A 508 -20.63 -8.54 -4.44
C ALA A 508 -21.51 -8.09 -3.28
N ARG A 509 -22.70 -8.65 -3.21
CA ARG A 509 -23.63 -8.27 -2.16
C ARG A 509 -23.07 -8.65 -0.80
N LEU A 510 -22.64 -9.90 -0.66
CA LEU A 510 -22.05 -10.38 0.59
C LEU A 510 -20.80 -9.58 1.01
N ALA A 511 -19.86 -9.41 0.08
CA ALA A 511 -18.62 -8.70 0.36
C ALA A 511 -18.90 -7.26 0.80
N LYS A 512 -19.91 -6.65 0.19
CA LYS A 512 -20.29 -5.29 0.51
C LYS A 512 -20.79 -5.17 1.95
N GLU A 513 -21.66 -6.11 2.36
CA GLU A 513 -22.18 -6.14 3.72
C GLU A 513 -21.08 -6.37 4.73
N VAL A 514 -20.21 -7.34 4.44
CA VAL A 514 -19.10 -7.61 5.36
C VAL A 514 -18.21 -6.38 5.55
N MET A 515 -17.84 -5.73 4.46
CA MET A 515 -16.99 -4.56 4.59
C MET A 515 -17.70 -3.40 5.30
N GLU A 516 -18.99 -3.19 5.00
CA GLU A 516 -19.74 -2.09 5.63
C GLU A 516 -19.99 -2.32 7.13
N GLY A 517 -20.15 -3.57 7.53
CA GLY A 517 -20.45 -3.90 8.92
C GLY A 517 -19.22 -4.29 9.74
N VAL A 518 -18.03 -4.09 9.17
CA VAL A 518 -16.80 -4.58 9.81
C VAL A 518 -16.68 -4.18 11.30
N TYR A 519 -17.01 -2.93 11.60
CA TYR A 519 -16.87 -2.42 12.95
C TYR A 519 -17.68 -1.14 13.03
N PRO A 520 -18.90 -1.22 13.57
CA PRO A 520 -19.78 -0.03 13.60
C PRO A 520 -19.16 1.20 14.25
N LEU A 521 -19.23 2.33 13.55
CA LEU A 521 -18.68 3.61 14.04
C LEU A 521 -19.83 4.59 14.34
N ALA A 522 -19.49 5.81 14.76
CA ALA A 522 -20.51 6.84 14.91
C ALA A 522 -21.05 7.27 13.56
N VAL A 523 -20.40 6.82 12.49
CA VAL A 523 -20.93 7.05 11.14
C VAL A 523 -20.95 5.74 10.39
N PRO A 524 -21.85 5.63 9.40
CA PRO A 524 -21.88 4.39 8.62
C PRO A 524 -20.69 4.33 7.69
N LEU A 525 -20.17 3.13 7.49
CA LEU A 525 -19.20 2.89 6.43
C LEU A 525 -20.01 2.55 5.19
N GLU A 526 -19.69 3.19 4.08
CA GLU A 526 -20.35 2.92 2.81
C GLU A 526 -19.34 2.35 1.82
N VAL A 527 -19.80 1.38 1.03
CA VAL A 527 -18.92 0.70 0.10
C VAL A 527 -19.54 0.74 -1.30
N GLU A 528 -18.76 1.21 -2.28
CA GLU A 528 -19.19 1.20 -3.68
C GLU A 528 -18.63 -0.06 -4.35
N VAL A 529 -19.46 -0.72 -5.14
CA VAL A 529 -19.05 -1.99 -5.72
C VAL A 529 -19.37 -2.06 -7.19
N GLY A 530 -18.44 -2.57 -7.97
CA GLY A 530 -18.63 -2.77 -9.39
C GLY A 530 -18.20 -4.17 -9.79
N ILE A 531 -18.78 -4.66 -10.89
CA ILE A 531 -18.50 -5.99 -11.39
C ILE A 531 -18.12 -5.83 -12.86
N GLY A 532 -17.07 -6.53 -13.31
CA GLY A 532 -16.65 -6.42 -14.71
C GLY A 532 -15.65 -7.47 -15.16
N GLU A 533 -15.45 -7.57 -16.48
CA GLU A 533 -14.49 -8.52 -17.05
C GLU A 533 -13.05 -8.02 -16.89
N ASP A 534 -12.90 -6.73 -16.62
CA ASP A 534 -11.57 -6.19 -16.34
C ASP A 534 -11.63 -5.15 -15.22
N TRP A 535 -10.48 -4.81 -14.67
CA TRP A 535 -10.42 -3.95 -13.51
C TRP A 535 -11.04 -2.56 -13.78
N LEU A 536 -10.84 -2.04 -14.98
CA LEU A 536 -11.36 -0.71 -15.30
C LEU A 536 -12.87 -0.74 -15.35
N SER A 537 -13.43 -1.76 -15.99
CA SER A 537 -14.86 -1.80 -16.16
C SER A 537 -15.54 -2.23 -14.85
N ALA A 538 -14.81 -2.92 -13.99
CA ALA A 538 -15.34 -3.34 -12.69
C ALA A 538 -15.52 -2.15 -11.73
N LYS A 539 -14.82 -1.06 -11.97
CA LYS A 539 -15.00 0.12 -11.14
C LYS A 539 -15.90 1.13 -11.85
N GLU A 540 -16.64 0.64 -12.83
CA GLU A 540 -17.63 1.45 -13.55
C GLU A 540 -16.95 2.49 -14.43
N1 DOC B 12 -3.66 6.56 -2.38
C2 DOC B 12 -2.90 7.21 -1.38
N3 DOC B 12 -2.24 8.35 -1.69
C4 DOC B 12 -2.29 8.90 -2.93
C5 DOC B 12 -3.03 8.28 -3.93
C6 DOC B 12 -3.73 7.10 -3.62
O2 DOC B 12 -2.84 6.73 -0.22
N4 DOC B 12 -1.59 10.04 -3.16
C1' DOC B 12 -4.36 5.31 -2.05
C2' DOC B 12 -5.80 5.57 -1.65
C3' DOC B 12 -6.64 4.92 -2.72
C4' DOC B 12 -5.68 3.97 -3.42
O4' DOC B 12 -4.36 4.47 -3.19
C5' DOC B 12 -5.96 3.93 -4.92
O5' DOC B 12 -5.99 5.26 -5.43
P DOC B 12 -6.08 5.47 -7.03
OP1 DOC B 12 -6.01 6.95 -7.32
OP2 DOC B 12 -7.19 4.63 -7.58
O5' 3DR C 4 2.77 20.10 2.84
P 3DR C 4 3.33 21.54 2.36
OP1 3DR C 4 2.38 22.54 2.98
OP2 3DR C 4 3.44 21.47 0.86
C2' 3DR C 4 1.69 16.69 1.83
C5' 3DR C 4 1.43 19.76 2.52
C4' 3DR C 4 1.06 18.50 3.28
O4' 3DR C 4 -0.12 17.95 2.70
C1' 3DR C 4 0.24 17.09 1.61
C3' 3DR C 4 2.14 17.46 3.05
O3' 3DR C 4 2.22 16.61 4.20
C1 GOL D . 4.66 -2.16 -11.57
O1 GOL D . 4.27 -1.33 -10.50
C2 GOL D . 6.15 -2.44 -11.42
O2 GOL D . 6.32 -3.11 -10.18
C3 GOL D . 6.60 -3.36 -12.55
O3 GOL D . 7.99 -3.62 -12.45
C1 GOL E . 6.46 -11.97 4.58
O1 GOL E . 5.87 -12.70 3.52
C2 GOL E . 6.32 -10.50 4.23
O2 GOL E . 5.37 -9.81 5.02
C3 GOL E . 7.68 -9.81 4.13
O3 GOL E . 7.54 -8.56 3.46
C1 GOL F . 10.77 -13.80 -14.91
O1 GOL F . 11.48 -15.02 -14.93
C2 GOL F . 11.25 -12.99 -13.72
O2 GOL F . 12.22 -13.74 -13.03
C3 GOL F . 10.10 -12.71 -12.78
O3 GOL F . 10.56 -11.78 -11.81
C1 GOL G . 21.82 -17.83 16.15
O1 GOL G . 20.52 -18.14 15.69
C2 GOL G . 22.33 -16.69 15.28
O2 GOL G . 21.34 -16.44 14.30
C3 GOL G . 22.45 -15.45 16.14
O3 GOL G . 21.16 -15.15 16.62
C1 GOL H . -11.40 -4.26 20.24
O1 GOL H . -12.52 -3.46 19.94
C2 GOL H . -10.11 -3.45 20.23
O2 GOL H . -10.38 -2.07 20.30
C3 GOL H . -9.27 -3.86 21.43
O3 GOL H . -8.31 -2.86 21.67
C1 GOL I . -10.74 -5.29 -22.03
O1 GOL I . -11.00 -3.95 -21.66
C2 GOL I . -9.28 -5.44 -22.42
O2 GOL I . -9.15 -5.47 -23.83
C3 GOL I . -8.78 -6.73 -21.79
O3 GOL I . -7.57 -7.12 -22.40
C1 GOL J . 12.27 -35.46 3.17
O1 GOL J . 11.05 -35.22 3.83
C2 GOL J . 13.45 -34.98 4.01
O2 GOL J . 14.15 -33.99 3.30
C3 GOL J . 14.40 -36.15 4.23
O3 GOL J . 15.13 -36.36 3.05
MG MG K . -10.28 3.62 -3.29
MG MG L . -12.57 5.15 -1.53
NA NA M . 8.51 -12.17 24.23
OR2 N5P N . -2.41 14.52 0.98
NRO N5P N . -2.80 14.04 -0.06
OR1 N5P N . -2.56 14.57 -1.13
CZ3 N5P N . -3.56 12.82 -0.02
CE3 N5P N . -4.15 12.30 -1.18
CD2 N5P N . -4.87 11.13 -1.08
CH2 N5P N . -3.69 12.17 1.23
CZ2 N5P N . -4.42 10.99 1.30
CE2 N5P N . -4.99 10.50 0.17
NE1 N5P N . -5.78 9.37 0.00
CD1 N5P N . -6.13 9.27 -1.34
CG N5P N . -5.61 10.33 -2.05
C1' N5P N . -6.11 8.41 1.06
O4' N5P N . -6.07 7.14 0.52
C4' N5P N . -7.36 6.67 0.39
C3' N5P N . -8.11 7.28 1.52
O3' N5P N . -8.00 6.42 2.60
C2' N5P N . -7.45 8.59 1.71
C5' N5P N . -7.96 7.12 -0.91
O5' N5P N . -9.14 6.43 -1.07
PA N5P N . -10.00 6.74 -2.35
O1A N5P N . -9.07 7.06 -3.54
O2A N5P N . -10.86 5.50 -2.69
O3A N5P N . -10.90 7.97 -2.06
PB N5P N . -11.97 7.96 -0.91
O1B N5P N . -11.58 9.09 0.07
O2B N5P N . -11.95 6.63 -0.11
O3B N5P N . -13.38 8.23 -1.58
PG N5P N . -13.92 7.47 -2.85
O3G N5P N . -13.44 6.03 -2.86
O2G N5P N . -13.49 8.14 -4.14
O1G N5P N . -15.43 7.51 -2.81
C FMT O . -18.73 -11.02 11.09
O1 FMT O . -18.57 -12.11 11.64
O2 FMT O . -18.99 -10.87 9.89
C FMT P . 13.51 -31.61 -2.11
O1 FMT P . 14.54 -30.93 -1.94
O2 FMT P . 13.27 -32.63 -1.48
C FMT Q . -3.97 -20.96 -3.83
O1 FMT Q . -4.37 -20.66 -4.96
O2 FMT Q . -4.36 -20.42 -2.79
C FMT R . 1.18 -18.24 20.32
O1 FMT R . 0.89 -19.07 19.47
O2 FMT R . 0.38 -17.73 21.08
C1 GOL S . 12.64 13.92 -4.49
O1 GOL S . 12.15 15.07 -5.15
C2 GOL S . 13.95 14.23 -3.77
O2 GOL S . 15.02 14.17 -4.68
C3 GOL S . 14.15 13.19 -2.66
O3 GOL S . 15.52 13.10 -2.33
MG MG T . 13.33 8.38 -2.82
C1 GOL U . 4.59 11.31 0.63
O1 GOL U . 3.53 12.05 0.05
C2 GOL U . 5.18 12.13 1.78
O2 GOL U . 4.54 13.40 1.83
C3 GOL U . 4.97 11.39 3.10
O3 GOL U . 5.69 10.17 3.08
C1 GOL V . 14.76 9.77 -15.35
O1 GOL V . 15.93 9.40 -14.66
C2 GOL V . 13.90 10.67 -14.45
O2 GOL V . 12.62 10.09 -14.34
C3 GOL V . 13.74 12.06 -15.06
O3 GOL V . 13.35 11.95 -16.42
C1 GOL W . 9.16 6.46 1.55
O1 GOL W . 8.61 7.62 0.98
C2 GOL W . 9.63 5.48 0.47
O2 GOL W . 9.64 6.09 -0.81
C3 GOL W . 8.74 4.25 0.44
O3 GOL W . 9.44 3.20 1.09
C1 GOL X . 28.38 2.05 -5.09
O1 GOL X . 29.07 3.04 -4.36
C2 GOL X . 28.66 0.68 -4.46
O2 GOL X . 29.49 -0.06 -5.32
C3 GOL X . 27.34 -0.05 -4.26
O3 GOL X . 27.57 -1.19 -3.45
C1 GOL Y . 7.95 8.63 6.27
O1 GOL Y . 7.40 8.97 7.51
C2 GOL Y . 8.73 7.35 6.47
O2 GOL Y . 8.52 6.48 5.38
C3 GOL Y . 8.27 6.69 7.75
O3 GOL Y . 9.03 5.52 7.94
MG MG Z . 23.84 2.15 -15.88
#